data_2C2I
#
_entry.id   2C2I
#
_cell.length_a   58.697
_cell.length_b   108.708
_cell.length_c   50.376
_cell.angle_alpha   90.00
_cell.angle_beta   90.00
_cell.angle_gamma   90.00
#
_symmetry.space_group_name_H-M   'P 21 21 2'
#
loop_
_entity.id
_entity.type
_entity.pdbx_description
1 polymer RV0130
2 water water
#
_entity_poly.entity_id   1
_entity_poly.type   'polypeptide(L)'
_entity_poly.pdbx_seq_one_letter_code
;(MSE)RTFESVADLAAAAGEKVGQSDWVTITQEEVNLFADATGDHQWIHVDPERAAAGPFGTTIAHGF(MSE)TLALLPR
LQHQ(MSE)YTVKGVKLAINYGLNKVRFPAPVPVGSRVRATSSLVGVEDLGNGTVQATVSTTVEVEGSAKPACVAESIVR
YVA
;
_entity_poly.pdbx_strand_id   A,B
#
# COMPACT_ATOMS: atom_id res chain seq x y z
N ARG A 2 -5.50 12.22 -20.57
CA ARG A 2 -4.69 11.73 -21.73
C ARG A 2 -5.03 10.27 -22.05
N THR A 3 -5.30 9.98 -23.33
CA THR A 3 -5.60 8.61 -23.75
C THR A 3 -4.43 8.09 -24.58
N PHE A 4 -3.87 6.97 -24.15
CA PHE A 4 -2.87 6.29 -24.95
C PHE A 4 -3.64 5.27 -25.78
N GLU A 5 -3.58 5.40 -27.11
CA GLU A 5 -4.32 4.50 -28.00
C GLU A 5 -3.90 3.03 -27.90
N SER A 6 -2.70 2.78 -27.36
CA SER A 6 -2.13 1.43 -27.27
C SER A 6 -0.93 1.45 -26.35
N VAL A 7 -0.43 0.25 -26.00
CA VAL A 7 0.75 0.12 -25.14
C VAL A 7 2.03 0.51 -25.86
N ALA A 8 2.01 0.41 -27.18
CA ALA A 8 3.12 0.97 -28.00
C ALA A 8 3.19 2.49 -27.83
N ASP A 9 2.04 3.12 -27.68
CA ASP A 9 2.02 4.57 -27.58
C ASP A 9 2.48 4.97 -26.20
N LEU A 10 2.14 4.13 -25.22
CA LEU A 10 2.64 4.31 -23.86
C LEU A 10 4.19 4.23 -23.83
N ALA A 11 4.74 3.19 -24.44
CA ALA A 11 6.19 3.01 -24.54
C ALA A 11 6.89 4.23 -25.15
N ALA A 12 6.28 4.82 -26.17
CA ALA A 12 6.86 6.00 -26.85
C ALA A 12 6.89 7.25 -25.96
N ALA A 13 6.09 7.23 -24.89
CA ALA A 13 5.98 8.37 -23.97
C ALA A 13 6.85 8.22 -22.72
N ALA A 14 7.67 7.18 -22.68
CA ALA A 14 8.61 7.01 -21.57
C ALA A 14 9.42 8.29 -21.41
N GLY A 15 9.63 8.71 -20.18
CA GLY A 15 10.37 9.93 -19.94
C GLY A 15 9.53 11.19 -20.09
N GLU A 16 8.19 11.05 -20.13
CA GLU A 16 7.27 12.19 -20.12
C GLU A 16 6.43 12.27 -18.85
N LYS A 17 5.99 13.48 -18.51
CA LYS A 17 4.94 13.67 -17.50
C LYS A 17 3.64 13.10 -18.07
N VAL A 18 2.85 12.43 -17.22
CA VAL A 18 1.57 11.88 -17.66
C VAL A 18 0.35 12.56 -17.02
N GLY A 19 0.59 13.49 -16.10
CA GLY A 19 -0.46 14.41 -15.69
C GLY A 19 -0.51 14.77 -14.23
N GLN A 20 -1.67 15.32 -13.86
CA GLN A 20 -1.95 15.75 -12.51
C GLN A 20 -3.43 15.49 -12.23
N SER A 21 -3.71 14.93 -11.07
CA SER A 21 -5.09 14.61 -10.71
C SER A 21 -5.83 15.85 -10.26
N ASP A 22 -7.11 15.69 -10.01
CA ASP A 22 -7.90 16.68 -9.29
C ASP A 22 -7.55 16.59 -7.79
N TRP A 23 -7.98 17.58 -7.01
CA TRP A 23 -7.96 17.46 -5.56
C TRP A 23 -9.03 16.46 -5.14
N VAL A 24 -8.70 15.60 -4.19
CA VAL A 24 -9.68 14.69 -3.59
C VAL A 24 -9.62 14.87 -2.08
N THR A 25 -10.78 14.87 -1.44
CA THR A 25 -10.85 15.05 0.01
C THR A 25 -10.84 13.69 0.69
N ILE A 26 -9.92 13.52 1.65
CA ILE A 26 -9.83 12.26 2.40
C ILE A 26 -10.68 12.38 3.67
N THR A 27 -11.74 11.59 3.75
CA THR A 27 -12.72 11.70 4.84
C THR A 27 -12.49 10.69 5.96
N GLN A 28 -13.08 10.96 7.13
CA GLN A 28 -13.02 10.01 8.25
C GLN A 28 -13.73 8.70 7.87
N GLU A 29 -14.82 8.80 7.13
CA GLU A 29 -15.55 7.61 6.67
C GLU A 29 -14.64 6.70 5.85
N GLU A 30 -13.82 7.29 4.98
CA GLU A 30 -12.90 6.50 4.15
C GLU A 30 -11.81 5.88 5.01
N VAL A 31 -11.34 6.63 5.99
CA VAL A 31 -10.25 6.17 6.86
C VAL A 31 -10.73 4.98 7.70
N ASN A 32 -11.96 5.09 8.21
CA ASN A 32 -12.64 3.99 8.91
C ASN A 32 -12.88 2.74 8.07
N LEU A 33 -13.29 2.91 6.82
CA LEU A 33 -13.51 1.77 5.92
C LEU A 33 -12.17 1.10 5.67
N PHE A 34 -11.10 1.90 5.52
CA PHE A 34 -9.76 1.36 5.30
C PHE A 34 -9.28 0.51 6.48
N ALA A 35 -9.51 1.04 7.67
CA ALA A 35 -9.24 0.33 8.91
C ALA A 35 -10.00 -0.97 8.95
N ASP A 36 -11.28 -0.96 8.60
CA ASP A 36 -12.08 -2.22 8.56
C ASP A 36 -11.55 -3.22 7.52
N ALA A 37 -11.22 -2.71 6.33
CA ALA A 37 -10.70 -3.54 5.25
C ALA A 37 -9.39 -4.25 5.63
N THR A 38 -8.51 -3.52 6.33
CA THR A 38 -7.12 -3.99 6.50
C THR A 38 -6.75 -4.44 7.92
N GLY A 39 -7.62 -4.18 8.90
CA GLY A 39 -7.32 -4.53 10.28
C GLY A 39 -6.34 -3.62 10.98
N ASP A 40 -6.05 -2.45 10.41
CA ASP A 40 -5.27 -1.46 11.14
C ASP A 40 -6.23 -0.44 11.73
N HIS A 41 -6.52 -0.59 13.03
CA HIS A 41 -7.41 0.35 13.74
C HIS A 41 -6.64 1.22 14.72
N GLN A 42 -5.39 1.58 14.38
CA GLN A 42 -4.61 2.34 15.34
C GLN A 42 -5.33 3.65 15.68
N TRP A 43 -5.24 4.04 16.95
CA TRP A 43 -5.89 5.24 17.43
C TRP A 43 -5.59 6.50 16.60
N ILE A 44 -4.35 6.65 16.14
CA ILE A 44 -3.96 7.83 15.34
C ILE A 44 -4.83 8.01 14.07
N HIS A 45 -5.44 6.94 13.59
CA HIS A 45 -6.28 7.00 12.39
C HIS A 45 -7.77 7.07 12.72
N VAL A 46 -8.20 6.41 13.81
CA VAL A 46 -9.63 6.18 13.98
C VAL A 46 -10.25 6.65 15.31
N ASP A 47 -9.41 7.16 16.21
CA ASP A 47 -9.89 7.55 17.54
C ASP A 47 -9.79 9.06 17.70
N PRO A 48 -10.86 9.79 17.33
CA PRO A 48 -10.82 11.25 17.35
C PRO A 48 -10.36 11.82 18.68
N GLU A 49 -10.86 11.27 19.79
CA GLU A 49 -10.50 11.78 21.11
C GLU A 49 -9.03 11.56 21.44
N ARG A 50 -8.53 10.36 21.17
CA ARG A 50 -7.13 10.08 21.47
C ARG A 50 -6.21 10.84 20.52
N ALA A 51 -6.61 10.89 19.24
CA ALA A 51 -5.84 11.60 18.20
C ALA A 51 -5.86 13.09 18.50
N ALA A 52 -7.06 13.60 18.78
CA ALA A 52 -7.20 15.00 19.17
C ALA A 52 -6.20 15.31 20.28
N ALA A 53 -5.91 14.34 21.13
CA ALA A 53 -4.97 14.56 22.24
C ALA A 53 -3.53 14.14 21.94
N GLY A 54 -3.30 13.53 20.79
CA GLY A 54 -1.95 13.07 20.44
C GLY A 54 -1.18 14.09 19.63
N PRO A 55 -0.01 13.69 19.11
CA PRO A 55 0.99 14.57 18.47
C PRO A 55 0.50 15.25 17.19
N PHE A 56 -0.50 14.69 16.55
CA PHE A 56 -1.04 15.27 15.32
C PHE A 56 -2.25 16.19 15.53
N GLY A 57 -2.85 16.14 16.73
CA GLY A 57 -4.02 16.98 17.05
C GLY A 57 -5.34 16.58 16.40
N THR A 58 -5.29 15.60 15.51
CA THR A 58 -6.48 15.12 14.82
C THR A 58 -6.08 13.80 14.21
N THR A 59 -7.06 13.06 13.70
CA THR A 59 -6.80 11.77 13.07
C THR A 59 -6.05 12.00 11.76
N ILE A 60 -5.16 11.07 11.41
CA ILE A 60 -4.44 11.11 10.13
C ILE A 60 -4.73 9.84 9.32
N ALA A 61 -4.62 9.92 7.99
CA ALA A 61 -4.83 8.77 7.13
C ALA A 61 -3.74 7.71 7.38
N HIS A 62 -4.05 6.47 7.05
CA HIS A 62 -3.03 5.42 7.00
C HIS A 62 -2.13 5.74 5.82
N GLY A 63 -0.82 5.68 5.99
CA GLY A 63 0.10 5.78 4.84
C GLY A 63 -0.23 4.76 3.76
N PHE A 64 -0.66 3.58 4.16
CA PHE A 64 -0.96 2.55 3.17
C PHE A 64 -2.18 2.96 2.36
N THR A 66 -3.06 6.31 1.62
CA THR A 66 -2.62 7.38 0.70
C THR A 66 -1.88 6.76 -0.51
N LEU A 67 -1.00 5.81 -0.22
CA LEU A 67 -0.28 5.08 -1.27
C LEU A 67 -1.29 4.41 -2.22
N ALA A 68 -2.31 3.76 -1.64
CA ALA A 68 -3.35 3.06 -2.38
C ALA A 68 -4.32 3.97 -3.16
N LEU A 69 -4.21 5.29 -2.94
CA LEU A 69 -4.93 6.22 -3.81
C LEU A 69 -4.31 6.36 -5.22
N LEU A 70 -3.13 5.77 -5.44
CA LEU A 70 -2.45 5.94 -6.75
C LEU A 70 -3.30 5.54 -7.96
N PRO A 71 -3.92 4.34 -7.93
CA PRO A 71 -4.81 3.98 -9.04
C PRO A 71 -5.93 4.99 -9.35
N ARG A 72 -6.70 5.40 -8.35
CA ARG A 72 -7.77 6.39 -8.58
C ARG A 72 -7.20 7.69 -9.18
N LEU A 73 -6.11 8.17 -8.59
CA LEU A 73 -5.57 9.48 -8.98
C LEU A 73 -4.96 9.43 -10.39
N GLN A 74 -4.26 8.33 -10.70
CA GLN A 74 -3.69 8.11 -12.03
C GLN A 74 -4.78 7.91 -13.10
N HIS A 75 -5.91 7.31 -12.71
CA HIS A 75 -7.05 7.14 -13.63
C HIS A 75 -7.63 8.50 -14.08
N GLN A 76 -7.52 9.50 -13.21
CA GLN A 76 -7.90 10.89 -13.52
C GLN A 76 -6.94 11.53 -14.52
N TYR A 78 -4.76 9.61 -17.04
CA TYR A 78 -4.59 8.93 -18.34
C TYR A 78 -5.28 7.59 -18.33
N THR A 79 -5.55 7.07 -19.52
CA THR A 79 -5.97 5.70 -19.66
C THR A 79 -5.19 5.07 -20.80
N VAL A 80 -5.16 3.74 -20.82
CA VAL A 80 -4.46 3.00 -21.85
C VAL A 80 -5.45 2.05 -22.53
N LYS A 81 -5.67 2.22 -23.84
CA LYS A 81 -6.60 1.40 -24.60
C LYS A 81 -5.96 0.07 -25.02
N GLY A 82 -6.80 -0.90 -25.40
CA GLY A 82 -6.28 -2.17 -25.90
C GLY A 82 -5.81 -3.12 -24.82
N VAL A 83 -6.12 -2.81 -23.56
CA VAL A 83 -5.81 -3.71 -22.45
C VAL A 83 -7.05 -4.11 -21.63
N LYS A 84 -7.02 -5.35 -21.13
CA LYS A 84 -8.16 -5.88 -20.40
C LYS A 84 -8.17 -5.41 -18.94
N LEU A 85 -6.98 -5.25 -18.37
CA LEU A 85 -6.86 -4.95 -16.94
C LEU A 85 -5.49 -4.41 -16.64
N ALA A 86 -5.37 -3.76 -15.48
CA ALA A 86 -4.08 -3.31 -14.99
C ALA A 86 -3.89 -3.89 -13.58
N ILE A 87 -2.73 -4.49 -13.35
CA ILE A 87 -2.42 -5.13 -12.06
C ILE A 87 -1.16 -4.55 -11.43
N ASN A 88 -1.22 -4.37 -10.11
CA ASN A 88 -0.12 -3.80 -9.35
C ASN A 88 0.99 -4.86 -9.24
N TYR A 89 2.15 -4.59 -9.85
CA TYR A 89 3.25 -5.54 -9.81
C TYR A 89 4.21 -5.23 -8.64
N GLY A 90 4.25 -3.97 -8.23
CA GLY A 90 5.04 -3.66 -7.05
C GLY A 90 5.46 -2.22 -6.96
N LEU A 91 6.45 -1.95 -6.11
CA LEU A 91 6.93 -0.59 -5.82
C LEU A 91 8.44 -0.69 -5.70
N ASN A 92 9.15 0.35 -6.11
CA ASN A 92 10.59 0.39 -5.90
C ASN A 92 10.98 1.21 -4.68
N LYS A 93 10.18 2.22 -4.35
CA LYS A 93 10.44 3.05 -3.14
C LYS A 93 9.20 3.85 -2.85
N VAL A 94 8.91 4.05 -1.56
CA VAL A 94 7.79 4.89 -1.15
C VAL A 94 8.21 5.60 0.13
N ARG A 95 7.91 6.89 0.23
CA ARG A 95 8.14 7.64 1.46
C ARG A 95 6.90 8.47 1.73
N PHE A 96 6.68 8.81 3.02
CA PHE A 96 5.50 9.56 3.43
C PHE A 96 5.98 10.77 4.24
N PRO A 97 6.53 11.79 3.55
CA PRO A 97 7.15 12.91 4.28
C PRO A 97 6.26 13.63 5.30
N ALA A 98 4.99 13.81 4.97
CA ALA A 98 4.03 14.53 5.82
C ALA A 98 2.76 13.70 6.02
N PRO A 99 2.22 13.72 7.25
CA PRO A 99 0.93 13.07 7.49
C PRO A 99 -0.24 13.76 6.73
N VAL A 100 -1.32 13.01 6.53
CA VAL A 100 -2.48 13.54 5.88
C VAL A 100 -3.54 13.66 6.96
N PRO A 101 -3.77 14.90 7.47
CA PRO A 101 -4.90 15.04 8.40
C PRO A 101 -6.19 14.61 7.71
N VAL A 102 -7.05 13.91 8.43
CA VAL A 102 -8.37 13.58 7.91
C VAL A 102 -9.09 14.90 7.59
N GLY A 103 -9.89 14.92 6.52
CA GLY A 103 -10.54 16.14 6.03
C GLY A 103 -9.73 16.95 5.04
N SER A 104 -8.41 16.68 4.96
CA SER A 104 -7.51 17.36 4.02
C SER A 104 -7.73 16.97 2.58
N ARG A 105 -7.24 17.81 1.66
CA ARG A 105 -7.24 17.48 0.24
C ARG A 105 -5.85 17.06 -0.22
N VAL A 106 -5.83 16.07 -1.11
CA VAL A 106 -4.60 15.58 -1.71
C VAL A 106 -4.70 15.61 -3.26
N ARG A 107 -3.55 15.69 -3.92
CA ARG A 107 -3.51 15.72 -5.38
C ARG A 107 -2.18 15.11 -5.80
N ALA A 108 -2.18 14.40 -6.93
CA ALA A 108 -0.98 13.72 -7.38
C ALA A 108 -0.50 14.24 -8.74
N THR A 109 0.82 14.18 -8.95
CA THR A 109 1.45 14.40 -10.25
C THR A 109 2.26 13.13 -10.56
N SER A 110 2.13 12.59 -11.77
CA SER A 110 2.91 11.39 -12.14
C SER A 110 3.70 11.57 -13.44
N SER A 111 4.80 10.84 -13.55
CA SER A 111 5.61 10.80 -14.77
C SER A 111 5.91 9.37 -15.13
N LEU A 112 6.06 9.09 -16.42
CA LEU A 112 6.40 7.73 -16.84
C LEU A 112 7.93 7.52 -16.83
N VAL A 113 8.40 6.64 -15.96
CA VAL A 113 9.83 6.35 -15.87
C VAL A 113 10.28 5.45 -17.02
N GLY A 114 9.50 4.42 -17.30
CA GLY A 114 9.90 3.45 -18.31
C GLY A 114 8.79 2.46 -18.58
N VAL A 115 8.89 1.80 -19.73
CA VAL A 115 7.90 0.83 -20.11
C VAL A 115 8.64 -0.37 -20.63
N GLU A 116 8.33 -1.54 -20.07
CA GLU A 116 8.95 -2.78 -20.48
C GLU A 116 7.89 -3.68 -21.12
N ASP A 117 8.14 -4.11 -22.36
CA ASP A 117 7.25 -5.02 -23.04
C ASP A 117 7.57 -6.43 -22.52
N LEU A 118 6.53 -7.11 -22.04
CA LEU A 118 6.69 -8.43 -21.42
C LEU A 118 6.33 -9.55 -22.39
N GLY A 119 5.75 -9.15 -23.52
CA GLY A 119 5.17 -10.06 -24.49
C GLY A 119 3.64 -10.06 -24.39
N ASN A 120 2.93 -10.36 -25.56
CA ASN A 120 1.50 -10.72 -25.63
C ASN A 120 0.50 -9.56 -25.62
N GLY A 121 1.07 -8.18 -25.79
CA GLY A 121 0.29 -6.96 -25.52
C GLY A 121 0.36 -6.53 -24.06
N THR A 122 1.02 -7.36 -23.23
CA THR A 122 1.27 -7.06 -21.81
C THR A 122 2.56 -6.25 -21.61
N VAL A 123 2.40 -5.05 -21.06
CA VAL A 123 3.55 -4.18 -20.81
C VAL A 123 3.55 -3.74 -19.34
N GLN A 124 4.72 -3.39 -18.84
CA GLN A 124 4.87 -2.99 -17.45
C GLN A 124 5.41 -1.58 -17.43
N ALA A 125 4.66 -0.68 -16.81
CA ALA A 125 5.05 0.73 -16.74
C ALA A 125 5.57 1.06 -15.34
N THR A 126 6.72 1.70 -15.26
CA THR A 126 7.25 2.19 -14.00
C THR A 126 6.90 3.68 -13.94
N VAL A 127 6.25 4.08 -12.85
CA VAL A 127 5.64 5.41 -12.72
C VAL A 127 6.18 6.08 -11.45
N SER A 128 6.53 7.36 -11.56
CA SER A 128 6.88 8.18 -10.39
C SER A 128 5.70 9.07 -10.02
N THR A 129 5.33 9.11 -8.74
CA THR A 129 4.19 9.93 -8.32
C THR A 129 4.60 10.72 -7.08
N THR A 130 4.14 11.97 -7.02
CA THR A 130 4.22 12.74 -5.83
C THR A 130 2.81 13.09 -5.48
N VAL A 131 2.41 12.80 -4.24
CA VAL A 131 1.10 13.18 -3.74
C VAL A 131 1.33 14.37 -2.80
N GLU A 132 0.76 15.52 -3.15
CA GLU A 132 0.79 16.69 -2.26
C GLU A 132 -0.45 16.72 -1.40
N VAL A 133 -0.35 17.37 -0.23
CA VAL A 133 -1.51 17.55 0.63
C VAL A 133 -1.67 19.05 0.93
N GLU A 134 -2.87 19.57 0.74
CA GLU A 134 -3.11 21.02 0.62
C GLU A 134 -2.63 21.94 1.76
N GLY A 135 -2.54 21.45 2.99
CA GLY A 135 -2.02 22.27 4.11
C GLY A 135 -0.57 22.15 4.59
N SER A 136 0.31 21.49 3.82
CA SER A 136 1.73 21.41 4.20
C SER A 136 2.71 21.52 2.99
N ALA A 137 3.95 21.93 3.26
CA ALA A 137 4.95 22.08 2.20
C ALA A 137 5.44 20.71 1.72
N LYS A 138 5.53 19.76 2.65
CA LYS A 138 6.10 18.42 2.36
C LYS A 138 5.05 17.55 1.68
N PRO A 139 5.47 16.68 0.72
CA PRO A 139 4.48 15.78 0.09
C PRO A 139 3.92 14.77 1.08
N ALA A 140 2.73 14.26 0.79
CA ALA A 140 2.15 13.19 1.58
C ALA A 140 2.78 11.87 1.20
N CYS A 141 3.19 11.74 -0.06
CA CYS A 141 3.70 10.46 -0.53
C CYS A 141 4.55 10.70 -1.76
N VAL A 142 5.70 10.05 -1.82
CA VAL A 142 6.55 10.01 -3.02
C VAL A 142 6.77 8.52 -3.29
N ALA A 143 6.34 8.07 -4.46
CA ALA A 143 6.35 6.62 -4.76
C ALA A 143 6.85 6.38 -6.16
N GLU A 144 7.61 5.30 -6.32
CA GLU A 144 7.83 4.77 -7.66
C GLU A 144 7.16 3.39 -7.72
N SER A 145 6.20 3.24 -8.63
CA SER A 145 5.30 2.07 -8.67
C SER A 145 5.41 1.39 -10.03
N ILE A 146 4.93 0.15 -10.10
CA ILE A 146 5.00 -0.63 -11.32
C ILE A 146 3.61 -1.17 -11.59
N VAL A 147 3.12 -0.86 -12.77
CA VAL A 147 1.78 -1.27 -13.19
C VAL A 147 1.93 -2.13 -14.43
N ARG A 148 1.33 -3.31 -14.39
CA ARG A 148 1.33 -4.24 -15.53
C ARG A 148 -0.03 -4.16 -16.24
N TYR A 149 -0.01 -3.77 -17.52
CA TYR A 149 -1.19 -3.69 -18.36
C TYR A 149 -1.29 -4.98 -19.17
N VAL A 150 -2.39 -5.73 -18.97
CA VAL A 150 -2.54 -7.11 -19.45
C VAL A 150 -3.67 -7.21 -20.48
N ARG B 2 5.52 -12.53 20.16
CA ARG B 2 6.71 -12.03 20.88
C ARG B 2 6.45 -10.61 21.39
N THR B 3 6.76 -10.35 22.65
CA THR B 3 6.57 -9.01 23.19
C THR B 3 7.95 -8.42 23.47
N PHE B 4 8.26 -7.33 22.81
CA PHE B 4 9.44 -6.56 23.12
C PHE B 4 9.10 -5.64 24.26
N GLU B 5 9.98 -5.58 25.27
CA GLU B 5 9.67 -4.82 26.50
C GLU B 5 9.77 -3.31 26.31
N SER B 6 10.48 -2.90 25.26
CA SER B 6 10.76 -1.52 24.94
C SER B 6 11.37 -1.45 23.56
N VAL B 7 11.64 -0.22 23.09
CA VAL B 7 12.31 -0.01 21.80
C VAL B 7 13.79 -0.38 21.82
N ALA B 8 14.42 -0.31 23.01
CA ALA B 8 15.78 -0.82 23.17
C ALA B 8 15.84 -2.33 22.92
N ASP B 9 14.85 -3.05 23.41
CA ASP B 9 14.85 -4.50 23.20
C ASP B 9 14.59 -4.84 21.73
N LEU B 10 13.72 -4.05 21.08
CA LEU B 10 13.52 -4.21 19.63
C LEU B 10 14.82 -3.95 18.89
N ALA B 11 15.47 -2.82 19.19
CA ALA B 11 16.77 -2.49 18.59
C ALA B 11 17.81 -3.59 18.79
N ALA B 12 17.84 -4.19 19.98
CA ALA B 12 18.79 -5.27 20.25
C ALA B 12 18.44 -6.56 19.50
N ALA B 13 17.22 -6.63 18.97
CA ALA B 13 16.81 -7.78 18.17
C ALA B 13 16.99 -7.57 16.66
N ALA B 14 17.57 -6.43 16.26
CA ALA B 14 17.83 -6.13 14.86
C ALA B 14 18.51 -7.31 14.17
N GLY B 15 17.94 -7.67 13.01
CA GLY B 15 18.42 -8.80 12.25
C GLY B 15 17.59 -10.06 12.42
N GLU B 16 16.97 -10.24 13.57
CA GLU B 16 16.30 -11.50 13.94
C GLU B 16 14.98 -11.69 13.22
N LYS B 17 14.63 -12.96 12.97
CA LYS B 17 13.25 -13.30 12.60
C LYS B 17 12.33 -12.84 13.72
N VAL B 18 11.16 -12.32 13.36
CA VAL B 18 10.20 -11.89 14.37
C VAL B 18 8.85 -12.61 14.31
N GLY B 19 8.79 -13.69 13.55
CA GLY B 19 7.69 -14.65 13.70
C GLY B 19 6.91 -14.93 12.43
N GLN B 20 5.73 -15.51 12.61
CA GLN B 20 4.86 -15.92 11.50
C GLN B 20 3.42 -15.72 11.96
N SER B 21 2.62 -15.09 11.13
CA SER B 21 1.22 -14.86 11.47
C SER B 21 0.45 -16.18 11.40
N ASP B 22 -0.80 -16.15 11.83
CA ASP B 22 -1.72 -17.22 11.49
C ASP B 22 -2.17 -16.98 10.05
N TRP B 23 -2.83 -17.96 9.45
CA TRP B 23 -3.54 -17.76 8.19
C TRP B 23 -4.69 -16.78 8.40
N VAL B 24 -4.89 -15.92 7.41
CA VAL B 24 -6.06 -15.05 7.35
C VAL B 24 -6.72 -15.29 6.00
N THR B 25 -8.06 -15.27 5.98
CA THR B 25 -8.82 -15.58 4.77
C THR B 25 -9.22 -14.24 4.14
N ILE B 26 -8.98 -14.12 2.84
CA ILE B 26 -9.32 -12.88 2.11
C ILE B 26 -10.78 -12.95 1.72
N THR B 27 -11.58 -11.98 2.18
CA THR B 27 -13.02 -12.08 1.94
C THR B 27 -13.46 -11.02 0.92
N GLN B 28 -14.56 -11.30 0.24
CA GLN B 28 -15.06 -10.32 -0.72
C GLN B 28 -15.46 -9.02 -0.05
N GLU B 29 -15.97 -9.10 1.18
CA GLU B 29 -16.40 -7.88 1.83
C GLU B 29 -15.21 -6.99 2.20
N GLU B 30 -14.06 -7.59 2.54
CA GLU B 30 -12.87 -6.78 2.78
C GLU B 30 -12.39 -6.12 1.48
N VAL B 31 -12.42 -6.88 0.40
CA VAL B 31 -11.97 -6.36 -0.92
C VAL B 31 -12.86 -5.17 -1.30
N ASN B 32 -14.18 -5.33 -1.12
CA ASN B 32 -15.17 -4.29 -1.38
C ASN B 32 -15.00 -3.03 -0.52
N LEU B 33 -14.76 -3.22 0.78
CA LEU B 33 -14.43 -2.14 1.67
C LEU B 33 -13.18 -1.41 1.18
N PHE B 34 -12.19 -2.19 0.74
CA PHE B 34 -10.92 -1.59 0.31
C PHE B 34 -11.16 -0.72 -0.93
N ALA B 35 -11.95 -1.24 -1.86
CA ALA B 35 -12.31 -0.53 -3.10
C ALA B 35 -13.04 0.78 -2.76
N ASP B 36 -13.99 0.69 -1.83
CA ASP B 36 -14.76 1.86 -1.37
C ASP B 36 -13.86 2.91 -0.68
N ALA B 37 -12.91 2.44 0.11
CA ALA B 37 -12.00 3.31 0.84
C ALA B 37 -11.06 4.07 -0.10
N THR B 38 -10.55 3.39 -1.12
CA THR B 38 -9.46 3.92 -1.96
C THR B 38 -9.87 4.39 -3.35
N GLY B 39 -11.08 4.07 -3.78
CA GLY B 39 -11.54 4.46 -5.11
C GLY B 39 -11.06 3.55 -6.22
N ASP B 40 -10.50 2.38 -5.89
CA ASP B 40 -10.15 1.40 -6.93
C ASP B 40 -11.23 0.33 -6.99
N HIS B 41 -12.20 0.51 -7.90
CA HIS B 41 -13.25 -0.49 -8.13
C HIS B 41 -13.01 -1.29 -9.40
N GLN B 42 -11.75 -1.60 -9.70
CA GLN B 42 -11.49 -2.31 -10.94
C GLN B 42 -12.23 -3.64 -10.90
N TRP B 43 -12.80 -3.98 -12.03
CA TRP B 43 -13.60 -5.19 -12.16
C TRP B 43 -12.92 -6.47 -11.64
N ILE B 44 -11.62 -6.59 -11.86
CA ILE B 44 -10.86 -7.76 -11.40
C ILE B 44 -10.96 -7.98 -9.89
N HIS B 45 -11.30 -6.93 -9.14
CA HIS B 45 -11.45 -7.01 -7.67
C HIS B 45 -12.91 -7.16 -7.21
N VAL B 46 -13.85 -6.51 -7.90
CA VAL B 46 -15.17 -6.23 -7.30
C VAL B 46 -16.36 -6.69 -8.15
N ASP B 47 -16.09 -7.24 -9.32
CA ASP B 47 -17.14 -7.69 -10.23
C ASP B 47 -16.97 -9.19 -10.46
N PRO B 48 -17.68 -10.02 -9.66
CA PRO B 48 -17.61 -11.48 -9.74
C PRO B 48 -17.96 -12.04 -11.13
N GLU B 49 -18.93 -11.43 -11.83
CA GLU B 49 -19.27 -11.88 -13.18
C GLU B 49 -18.16 -11.64 -14.20
N ARG B 50 -17.69 -10.40 -14.27
CA ARG B 50 -16.60 -10.06 -15.16
C ARG B 50 -15.32 -10.80 -14.78
N ALA B 51 -15.03 -10.88 -13.47
CA ALA B 51 -13.79 -11.54 -12.98
C ALA B 51 -13.77 -13.01 -13.35
N ALA B 52 -14.93 -13.64 -13.26
CA ALA B 52 -15.06 -15.06 -13.59
C ALA B 52 -14.73 -15.34 -15.06
N ALA B 53 -14.92 -14.34 -15.92
CA ALA B 53 -14.60 -14.43 -17.34
C ALA B 53 -13.18 -13.93 -17.63
N GLY B 54 -12.54 -13.34 -16.64
CA GLY B 54 -11.22 -12.75 -16.81
C GLY B 54 -10.10 -13.76 -16.60
N PRO B 55 -8.84 -13.35 -16.83
CA PRO B 55 -7.67 -14.22 -16.78
C PRO B 55 -7.38 -14.86 -15.43
N PHE B 56 -7.94 -14.29 -14.35
CA PHE B 56 -7.75 -14.86 -13.01
C PHE B 56 -8.83 -15.88 -12.59
N GLY B 57 -9.97 -15.89 -13.28
CA GLY B 57 -11.03 -16.88 -13.02
C GLY B 57 -12.03 -16.57 -11.89
N THR B 58 -11.64 -15.65 -11.01
CA THR B 58 -12.45 -15.23 -9.86
C THR B 58 -11.87 -13.87 -9.46
N THR B 59 -12.52 -13.16 -8.54
CA THR B 59 -12.01 -11.86 -8.12
C THR B 59 -10.71 -12.05 -7.34
N ILE B 60 -9.81 -11.08 -7.48
CA ILE B 60 -8.57 -11.08 -6.72
C ILE B 60 -8.45 -9.84 -5.83
N ALA B 61 -7.63 -9.96 -4.79
CA ALA B 61 -7.36 -8.83 -3.91
C ALA B 61 -6.57 -7.75 -4.68
N HIS B 62 -6.66 -6.51 -4.20
CA HIS B 62 -5.82 -5.44 -4.64
C HIS B 62 -4.43 -5.69 -4.06
N GLY B 63 -3.41 -5.54 -4.89
CA GLY B 63 -2.03 -5.67 -4.36
C GLY B 63 -1.79 -4.72 -3.22
N PHE B 64 -2.30 -3.48 -3.34
CA PHE B 64 -2.15 -2.50 -2.28
C PHE B 64 -2.88 -2.94 -0.99
N THR B 66 -3.13 -6.33 -0.07
CA THR B 66 -2.25 -7.35 0.51
C THR B 66 -1.06 -6.67 1.26
N LEU B 67 -0.49 -5.65 0.64
CA LEU B 67 0.59 -4.87 1.27
C LEU B 67 0.14 -4.22 2.59
N ALA B 68 -1.07 -3.64 2.56
CA ALA B 68 -1.67 -2.96 3.71
C ALA B 68 -2.08 -3.90 4.85
N LEU B 69 -2.05 -5.21 4.58
CA LEU B 69 -2.25 -6.20 5.65
C LEU B 69 -1.01 -6.41 6.51
N LEU B 70 0.12 -5.83 6.12
CA LEU B 70 1.36 -5.99 6.91
C LEU B 70 1.18 -5.64 8.40
N PRO B 71 0.61 -4.46 8.73
CA PRO B 71 0.34 -4.16 10.15
C PRO B 71 -0.47 -5.25 10.87
N ARG B 72 -1.63 -5.62 10.33
CA ARG B 72 -2.46 -6.68 10.94
C ARG B 72 -1.65 -7.96 11.22
N LEU B 73 -0.98 -8.44 10.18
CA LEU B 73 -0.21 -9.70 10.27
C LEU B 73 0.96 -9.62 11.24
N GLN B 74 1.71 -8.51 11.17
CA GLN B 74 2.83 -8.31 12.07
C GLN B 74 2.40 -8.16 13.51
N HIS B 75 1.18 -7.63 13.73
CA HIS B 75 0.59 -7.59 15.07
C HIS B 75 0.42 -8.97 15.72
N GLN B 76 0.09 -9.97 14.90
CA GLN B 76 0.03 -11.39 15.35
C GLN B 76 1.41 -11.95 15.72
N TYR B 78 4.32 -9.95 16.70
CA TYR B 78 4.98 -9.26 17.80
C TYR B 78 4.32 -7.94 18.17
N THR B 79 4.65 -7.45 19.37
CA THR B 79 4.27 -6.13 19.84
C THR B 79 5.46 -5.47 20.52
N VAL B 80 5.43 -4.15 20.61
CA VAL B 80 6.51 -3.38 21.24
C VAL B 80 5.90 -2.52 22.35
N LYS B 81 6.37 -2.72 23.59
CA LYS B 81 5.90 -1.93 24.72
C LYS B 81 6.55 -0.56 24.74
N GLY B 82 5.92 0.38 25.47
CA GLY B 82 6.51 1.69 25.69
C GLY B 82 6.45 2.61 24.48
N VAL B 83 5.55 2.28 23.56
CA VAL B 83 5.40 3.05 22.34
C VAL B 83 4.06 3.77 22.34
N LYS B 84 4.12 5.08 22.10
CA LYS B 84 2.94 5.93 22.00
C LYS B 84 2.18 5.67 20.71
N LEU B 85 2.91 5.65 19.60
CA LEU B 85 2.31 5.36 18.30
C LEU B 85 3.37 4.76 17.36
N ALA B 86 2.90 4.06 16.32
CA ALA B 86 3.72 3.55 15.24
C ALA B 86 3.17 4.10 13.94
N ILE B 87 4.07 4.57 13.08
CA ILE B 87 3.65 5.22 11.85
C ILE B 87 4.45 4.64 10.68
N ASN B 88 3.73 4.36 9.60
CA ASN B 88 4.33 3.92 8.35
C ASN B 88 5.30 5.00 7.82
N TYR B 89 6.58 4.65 7.77
CA TYR B 89 7.56 5.61 7.23
C TYR B 89 7.74 5.43 5.72
N GLY B 90 7.43 4.23 5.23
CA GLY B 90 7.54 4.00 3.78
C GLY B 90 7.89 2.55 3.45
N LEU B 91 8.22 2.31 2.16
CA LEU B 91 8.56 0.99 1.64
C LEU B 91 9.86 1.13 0.85
N ASN B 92 10.70 0.09 0.83
CA ASN B 92 11.71 0.03 -0.21
C ASN B 92 11.13 -0.89 -1.29
N LYS B 93 11.86 -1.92 -1.73
CA LYS B 93 11.32 -2.79 -2.78
C LYS B 93 10.14 -3.65 -2.33
N VAL B 94 9.09 -3.67 -3.17
CA VAL B 94 7.90 -4.50 -2.98
C VAL B 94 7.56 -5.17 -4.31
N ARG B 95 7.28 -6.47 -4.28
CA ARG B 95 6.83 -7.17 -5.50
C ARG B 95 5.65 -8.06 -5.13
N PHE B 96 4.77 -8.32 -6.10
CA PHE B 96 3.55 -9.11 -5.89
C PHE B 96 3.59 -10.26 -6.92
N PRO B 97 4.40 -11.31 -6.67
CA PRO B 97 4.63 -12.34 -7.68
C PRO B 97 3.41 -13.16 -8.11
N ALA B 98 2.43 -13.33 -7.23
CA ALA B 98 1.23 -14.11 -7.58
C ALA B 98 -0.01 -13.42 -7.03
N PRO B 99 -1.14 -13.49 -7.77
CA PRO B 99 -2.36 -12.88 -7.28
C PRO B 99 -2.93 -13.63 -6.08
N VAL B 100 -3.77 -12.94 -5.33
CA VAL B 100 -4.46 -13.51 -4.19
C VAL B 100 -5.96 -13.57 -4.53
N PRO B 101 -6.45 -14.78 -4.88
CA PRO B 101 -7.90 -14.95 -5.14
C PRO B 101 -8.71 -14.69 -3.89
N VAL B 102 -9.84 -14.03 -4.06
CA VAL B 102 -10.79 -13.93 -2.95
C VAL B 102 -11.16 -15.36 -2.52
N GLY B 103 -11.21 -15.58 -1.21
CA GLY B 103 -11.48 -16.91 -0.65
C GLY B 103 -10.22 -17.65 -0.24
N SER B 104 -9.08 -17.24 -0.79
CA SER B 104 -7.81 -17.90 -0.42
C SER B 104 -7.31 -17.42 0.95
N ARG B 105 -6.36 -18.16 1.53
CA ARG B 105 -5.78 -17.76 2.81
C ARG B 105 -4.33 -17.33 2.57
N VAL B 106 -3.88 -16.34 3.33
CA VAL B 106 -2.51 -15.84 3.24
C VAL B 106 -1.93 -15.83 4.65
N ARG B 107 -0.61 -15.84 4.71
CA ARG B 107 0.14 -15.86 5.98
C ARG B 107 1.45 -15.13 5.73
N ALA B 108 1.99 -14.51 6.77
CA ALA B 108 3.22 -13.77 6.59
C ALA B 108 4.28 -14.19 7.58
N THR B 109 5.54 -14.04 7.16
CA THR B 109 6.72 -14.20 8.03
C THR B 109 7.56 -12.94 7.88
N SER B 110 8.09 -12.43 9.00
CA SER B 110 8.87 -11.18 8.97
C SER B 110 10.19 -11.32 9.73
N SER B 111 11.19 -10.54 9.30
CA SER B 111 12.44 -10.42 10.04
C SER B 111 12.79 -8.93 10.11
N LEU B 112 13.46 -8.54 11.20
CA LEU B 112 13.95 -7.16 11.35
C LEU B 112 15.25 -7.01 10.58
N VAL B 113 15.21 -6.24 9.51
CA VAL B 113 16.42 -5.92 8.72
C VAL B 113 17.37 -5.05 9.55
N GLY B 114 16.83 -4.00 10.16
CA GLY B 114 17.61 -3.01 10.91
C GLY B 114 16.73 -2.19 11.83
N VAL B 115 17.31 -1.61 12.88
CA VAL B 115 16.56 -0.68 13.73
C VAL B 115 17.46 0.54 13.97
N GLU B 116 16.99 1.72 13.58
CA GLU B 116 17.78 2.95 13.69
C GLU B 116 17.28 3.77 14.87
N ASP B 117 18.20 4.15 15.77
CA ASP B 117 17.88 5.06 16.89
C ASP B 117 17.66 6.49 16.37
N LEU B 118 16.44 7.00 16.49
CA LEU B 118 16.21 8.40 16.07
C LEU B 118 16.19 9.38 17.25
N GLY B 119 16.63 8.95 18.43
CA GLY B 119 16.66 9.86 19.59
C GLY B 119 15.40 9.88 20.44
N ASN B 120 15.58 10.19 21.73
CA ASN B 120 14.47 10.41 22.65
C ASN B 120 13.46 9.24 22.73
N GLY B 121 13.95 8.02 22.51
CA GLY B 121 13.10 6.82 22.63
C GLY B 121 12.30 6.51 21.37
N THR B 122 12.59 7.19 20.27
CA THR B 122 11.98 6.90 18.95
C THR B 122 12.93 6.08 18.08
N VAL B 123 12.42 5.00 17.49
CA VAL B 123 13.25 4.13 16.65
C VAL B 123 12.54 3.85 15.34
N GLN B 124 13.32 3.51 14.30
CA GLN B 124 12.75 3.27 13.00
C GLN B 124 13.25 1.90 12.56
N ALA B 125 12.30 0.99 12.38
CA ALA B 125 12.60 -0.42 12.10
C ALA B 125 12.35 -0.70 10.61
N THR B 126 13.31 -1.35 9.97
CA THR B 126 13.14 -1.82 8.60
C THR B 126 12.86 -3.32 8.67
N VAL B 127 11.77 -3.76 8.03
CA VAL B 127 11.25 -5.11 8.20
C VAL B 127 11.14 -5.76 6.82
N SER B 128 11.47 -7.04 6.73
CA SER B 128 11.28 -7.79 5.49
C SER B 128 10.16 -8.81 5.73
N THR B 129 9.21 -8.85 4.81
CA THR B 129 8.04 -9.75 4.96
C THR B 129 7.84 -10.55 3.69
N THR B 130 7.52 -11.83 3.83
CA THR B 130 6.97 -12.63 2.75
C THR B 130 5.55 -13.01 3.10
N VAL B 131 4.62 -12.68 2.21
CA VAL B 131 3.22 -13.08 2.38
C VAL B 131 3.04 -14.26 1.41
N GLU B 132 2.72 -15.43 1.98
CA GLU B 132 2.44 -16.60 1.14
C GLU B 132 0.94 -16.76 0.95
N VAL B 133 0.56 -17.43 -0.14
CA VAL B 133 -0.84 -17.80 -0.42
C VAL B 133 -0.90 -19.29 -0.25
N GLU B 134 -1.90 -19.78 0.47
CA GLU B 134 -2.07 -21.23 0.69
C GLU B 134 -2.18 -22.02 -0.62
N GLY B 135 -1.48 -23.16 -0.66
CA GLY B 135 -1.49 -24.06 -1.82
C GLY B 135 -0.58 -23.68 -2.97
N SER B 136 0.19 -22.61 -2.81
CA SER B 136 0.97 -22.06 -3.91
C SER B 136 2.40 -21.73 -3.51
N ALA B 137 3.37 -22.05 -4.38
CA ALA B 137 4.79 -21.80 -4.06
C ALA B 137 5.20 -20.35 -4.28
N LYS B 138 4.56 -19.70 -5.25
CA LYS B 138 4.88 -18.32 -5.60
C LYS B 138 4.25 -17.40 -4.54
N PRO B 139 5.06 -16.49 -3.97
CA PRO B 139 4.54 -15.60 -2.90
C PRO B 139 3.50 -14.62 -3.43
N ALA B 140 2.59 -14.19 -2.55
CA ALA B 140 1.71 -13.07 -2.88
C ALA B 140 2.47 -11.75 -2.81
N CYS B 141 3.48 -11.68 -1.96
CA CYS B 141 4.17 -10.40 -1.75
C CYS B 141 5.54 -10.66 -1.09
N VAL B 142 6.55 -9.94 -1.55
CA VAL B 142 7.83 -9.86 -0.83
C VAL B 142 8.08 -8.37 -0.66
N ALA B 143 8.16 -7.90 0.58
CA ALA B 143 8.21 -6.45 0.81
C ALA B 143 9.21 -6.07 1.88
N GLU B 144 9.87 -4.92 1.69
CA GLU B 144 10.66 -4.31 2.77
C GLU B 144 9.95 -3.01 3.16
N SER B 145 9.61 -2.90 4.43
CA SER B 145 8.79 -1.79 4.93
C SER B 145 9.55 -1.10 6.04
N ILE B 146 9.09 0.09 6.40
CA ILE B 146 9.74 0.91 7.43
C ILE B 146 8.67 1.44 8.38
N VAL B 147 8.90 1.23 9.67
CA VAL B 147 7.94 1.61 10.70
C VAL B 147 8.69 2.43 11.74
N ARG B 148 8.16 3.62 12.04
CA ARG B 148 8.70 4.48 13.09
C ARG B 148 7.89 4.26 14.37
N TYR B 149 8.58 3.83 15.42
CA TYR B 149 7.97 3.66 16.75
C TYR B 149 8.31 4.90 17.56
N VAL B 150 7.26 5.63 17.91
CA VAL B 150 7.37 6.91 18.63
C VAL B 150 6.95 6.80 20.10
#